data_2IEF
#
_entry.id   2IEF
#
_cell.length_a   111.655
_cell.length_b   111.655
_cell.length_c   76.268
_cell.angle_alpha   90.00
_cell.angle_beta   90.00
_cell.angle_gamma   120.00
#
_symmetry.space_group_name_H-M   'P 31 2 1'
#
loop_
_entity.id
_entity.type
_entity.pdbx_description
1 polymer '15-mer DNA'
2 polymer '19-mer DNA'
3 polymer '34-mer DNA'
4 polymer Excisionase
5 water water
#
loop_
_entity_poly.entity_id
_entity_poly.type
_entity_poly.pdbx_seq_one_letter_code
_entity_poly.pdbx_strand_id
1 'polydeoxyribonucleotide' (DA)(DT)(DA)(DT)(DG)(DT)(DT)(DG)(DT)(DG)(DT)(DT)(DT)(DT)(DA) D
2 'polydeoxyribonucleotide' (DC)(DA)(DG)(DT)(DA)(DT)(DT)(DA)(DT)(DG)(DT)(DA)(DG)(DT)(DC)(DT)(DG)(DT)(DT) E
3 'polydeoxyribonucleotide'
;(DT)(DA)(DA)(DC)(DA)(DG)(DA)(DC)(DT)(DA)(DC)(DA)(DT)(DA)(DA)(DT)(DA)(DC)(DT)(DG)
(DT)(DA)(DA)(DA)(DA)(DC)(DA)(DC)(DA)(DA)(DC)(DA)(DT)(DA)
;
F
4 'polypeptide(L)' MYLTLQEWNARQRRPRSLETVRRWVRESRIFPPPVKDGREYLFHESAVKVDLNRP A,B,C
#
# COMPACT_ATOMS: atom_id res chain seq x y z
N MET D 1 22.39 -6.07 -24.75
CA MET D 1 23.21 -5.09 -23.99
C MET D 1 23.62 -5.67 -22.64
N TYR D 2 24.73 -5.19 -22.10
CA TYR D 2 24.94 -5.14 -20.69
C TYR D 2 24.91 -3.71 -20.25
N LEU D 3 24.38 -3.47 -19.06
CA LEU D 3 24.08 -2.13 -18.62
C LEU D 3 25.19 -1.61 -17.72
N THR D 4 25.38 -0.31 -17.71
CA THR D 4 26.20 0.33 -16.69
C THR D 4 25.50 0.25 -15.37
N LEU D 5 26.25 0.48 -14.30
CA LEU D 5 25.67 0.59 -12.99
C LEU D 5 24.53 1.57 -13.02
N GLN D 6 24.78 2.72 -13.60
CA GLN D 6 23.81 3.79 -13.60
C GLN D 6 22.54 3.37 -14.32
N GLU D 7 22.72 2.68 -15.43
CA GLU D 7 21.60 2.25 -16.26
C GLU D 7 20.83 1.13 -15.58
N TRP D 8 21.56 0.21 -14.99
CA TRP D 8 20.94 -0.84 -14.20
C TRP D 8 20.12 -0.24 -13.09
N ASN D 9 20.75 0.66 -12.32
CA ASN D 9 20.09 1.26 -11.19
C ASN D 9 18.83 1.95 -11.60
N ALA D 10 18.82 2.44 -12.85
CA ALA D 10 17.74 3.33 -13.32
C ALA D 10 16.50 2.53 -13.71
N ARG D 11 16.67 1.23 -13.87
CA ARG D 11 15.56 0.36 -14.32
C ARG D 11 14.91 -0.36 -13.15
N GLN D 12 15.53 -0.30 -11.98
CA GLN D 12 15.00 -0.95 -10.82
C GLN D 12 13.78 -0.19 -10.28
N ARG D 13 12.93 -0.90 -9.55
CA ARG D 13 11.69 -0.30 -8.98
C ARG D 13 12.00 0.95 -8.19
N ARG D 14 13.05 0.88 -7.38
CA ARG D 14 13.47 2.02 -6.58
C ARG D 14 14.97 2.27 -6.77
N PRO D 15 15.32 3.14 -7.74
CA PRO D 15 16.69 3.56 -7.93
C PRO D 15 17.27 4.19 -6.67
N ARG D 16 18.52 3.88 -6.39
CA ARG D 16 19.19 4.44 -5.22
C ARG D 16 20.39 5.30 -5.65
N SER D 17 21.17 5.78 -4.67
CA SER D 17 22.45 6.40 -4.96
C SER D 17 23.38 5.37 -5.55
N LEU D 18 24.28 5.82 -6.38
CA LEU D 18 25.25 4.92 -7.01
C LEU D 18 26.13 4.26 -5.95
N GLU D 19 26.41 4.98 -4.88
CA GLU D 19 27.23 4.48 -3.84
C GLU D 19 26.59 3.26 -3.19
N THR D 20 25.28 3.36 -2.92
CA THR D 20 24.54 2.23 -2.37
C THR D 20 24.66 1.03 -3.29
N VAL D 21 24.51 1.24 -4.59
CA VAL D 21 24.49 0.16 -5.54
C VAL D 21 25.86 -0.52 -5.59
N ARG D 22 26.91 0.25 -5.44
CA ARG D 22 28.25 -0.30 -5.37
C ARG D 22 28.43 -1.13 -4.14
N ARG D 23 27.89 -0.67 -3.01
CA ARG D 23 27.94 -1.44 -1.75
CA ARG D 23 27.98 -1.41 -1.77
C ARG D 23 27.28 -2.77 -1.91
N TRP D 24 26.24 -2.82 -2.74
CA TRP D 24 25.54 -4.07 -3.03
C TRP D 24 26.43 -5.02 -3.79
N VAL D 25 27.11 -4.50 -4.80
CA VAL D 25 28.01 -5.30 -5.58
C VAL D 25 29.13 -5.90 -4.70
N ARG D 26 29.73 -5.06 -3.86
CA ARG D 26 30.77 -5.53 -2.91
C ARG D 26 30.23 -6.65 -2.04
N GLU D 27 28.94 -6.59 -1.72
CA GLU D 27 28.31 -7.59 -0.81
C GLU D 27 27.70 -8.76 -1.58
N SER D 28 27.85 -8.74 -2.91
CA SER D 28 27.42 -9.89 -3.80
C SER D 28 25.89 -9.96 -3.92
N ARG D 29 25.22 -8.84 -3.64
CA ARG D 29 23.76 -8.84 -3.55
C ARG D 29 23.11 -8.77 -4.92
N ILE D 30 23.91 -8.49 -5.94
CA ILE D 30 23.39 -8.47 -7.30
C ILE D 30 23.68 -9.81 -8.03
N PHE D 31 22.61 -10.41 -8.58
CA PHE D 31 22.73 -11.70 -9.26
C PHE D 31 22.11 -11.60 -10.62
N PRO D 32 22.87 -12.02 -11.65
CA PRO D 32 24.25 -12.36 -11.55
C PRO D 32 25.13 -11.15 -11.23
N PRO D 33 26.31 -11.39 -10.72
CA PRO D 33 27.21 -10.31 -10.36
C PRO D 33 27.77 -9.60 -11.57
N PRO D 34 28.02 -8.32 -11.46
CA PRO D 34 28.52 -7.55 -12.54
C PRO D 34 29.93 -7.91 -12.92
N VAL D 35 30.27 -7.78 -14.17
CA VAL D 35 31.59 -7.97 -14.63
C VAL D 35 32.33 -6.66 -14.57
N LYS D 36 33.64 -6.72 -14.70
CA LYS D 36 34.48 -5.52 -14.67
C LYS D 36 35.11 -5.25 -16.04
N ASP D 37 34.77 -4.11 -16.64
CA ASP D 37 35.33 -3.72 -17.92
C ASP D 37 36.06 -2.41 -17.82
N GLY D 38 37.39 -2.45 -17.91
CA GLY D 38 38.22 -1.29 -17.57
C GLY D 38 37.90 -0.75 -16.18
N ARG D 39 37.28 0.43 -16.14
CA ARG D 39 37.02 1.15 -14.87
C ARG D 39 35.72 0.68 -14.21
N GLU D 40 34.75 0.34 -15.03
CA GLU D 40 33.37 0.35 -14.63
C GLU D 40 32.84 -1.09 -14.46
N TYR D 41 31.73 -1.21 -13.74
CA TYR D 41 30.97 -2.48 -13.71
C TYR D 41 29.97 -2.52 -14.85
N LEU D 42 29.67 -3.73 -15.34
CA LEU D 42 28.61 -3.92 -16.33
C LEU D 42 27.69 -5.06 -15.93
N PHE D 43 26.38 -4.86 -16.09
CA PHE D 43 25.37 -5.74 -15.46
C PHE D 43 24.61 -6.49 -16.51
N HIS D 44 24.16 -7.70 -16.18
CA HIS D 44 23.23 -8.42 -17.01
C HIS D 44 21.92 -7.70 -17.03
N GLU D 45 21.21 -7.79 -18.14
CA GLU D 45 19.96 -7.04 -18.33
C GLU D 45 18.92 -7.47 -17.36
N SER D 46 18.98 -8.73 -16.96
CA SER D 46 17.99 -9.30 -16.09
C SER D 46 18.52 -9.34 -14.69
N ALA D 47 19.71 -8.83 -14.48
CA ALA D 47 20.33 -8.83 -13.16
C ALA D 47 19.40 -8.22 -12.14
N VAL D 48 19.41 -8.78 -10.96
CA VAL D 48 18.48 -8.42 -9.96
C VAL D 48 19.15 -8.37 -8.61
N LYS D 49 18.64 -7.52 -7.72
CA LYS D 49 19.13 -7.49 -6.33
C LYS D 49 18.48 -8.59 -5.53
N VAL D 50 19.30 -9.41 -4.88
CA VAL D 50 18.83 -10.51 -4.17
C VAL D 50 19.31 -10.50 -2.72
N ASP D 51 18.67 -11.31 -1.90
CA ASP D 51 18.95 -11.35 -0.49
C ASP D 51 19.46 -12.73 -0.12
N LEU D 52 20.71 -12.79 0.34
CA LEU D 52 21.42 -14.06 0.45
C LEU D 52 21.32 -14.62 1.84
N ASN D 53 20.44 -14.05 2.66
CA ASN D 53 20.14 -14.60 3.98
C ASN D 53 18.81 -15.40 3.99
N ARG D 54 18.61 -16.22 5.02
CA ARG D 54 17.41 -17.03 5.14
C ARG D 54 16.84 -16.98 6.56
N PRO D 55 16.41 -15.77 6.99
CA PRO D 55 15.74 -15.61 8.29
C PRO D 55 14.41 -16.35 8.34
N MET E 1 2.76 -2.73 -11.04
CA MET E 1 3.69 -1.69 -10.48
C MET E 1 3.58 -1.66 -8.93
N TYR E 2 4.67 -1.21 -8.28
CA TYR E 2 4.73 -1.22 -6.82
C TYR E 2 4.70 0.21 -6.25
N LEU E 3 4.14 0.34 -5.04
CA LEU E 3 3.97 1.64 -4.39
C LEU E 3 4.80 1.70 -3.14
N THR E 4 5.17 2.92 -2.72
CA THR E 4 5.61 3.15 -1.32
C THR E 4 4.45 2.99 -0.38
N LEU E 5 4.75 2.85 0.90
CA LEU E 5 3.76 2.82 1.89
C LEU E 5 2.91 4.09 1.83
N GLN E 6 3.56 5.22 1.70
CA GLN E 6 2.83 6.50 1.53
C GLN E 6 1.89 6.44 0.29
N GLU E 7 2.44 6.10 -0.86
CA GLU E 7 1.66 6.10 -2.12
C GLU E 7 0.46 5.14 -2.01
N TRP E 8 0.68 3.98 -1.36
CA TRP E 8 -0.38 3.00 -1.20
C TRP E 8 -1.48 3.54 -0.28
N ASN E 9 -1.08 4.21 0.77
CA ASN E 9 -1.98 4.70 1.74
C ASN E 9 -2.82 5.83 1.19
N ALA E 10 -2.24 6.62 0.32
CA ALA E 10 -2.95 7.75 -0.27
C ALA E 10 -4.11 7.29 -1.15
N ARG E 11 -4.07 6.04 -1.60
CA ARG E 11 -5.02 5.53 -2.63
C ARG E 11 -6.11 4.63 -2.03
N GLN E 12 -6.13 4.51 -0.72
CA GLN E 12 -7.14 3.68 -0.06
C GLN E 12 -8.47 4.43 0.11
N ARG E 13 -9.52 3.69 0.41
CA ARG E 13 -10.79 4.30 0.87
C ARG E 13 -10.52 5.53 1.74
N ARG E 14 -9.81 5.32 2.84
CA ARG E 14 -9.44 6.41 3.75
C ARG E 14 -8.05 6.21 4.19
N PRO E 15 -7.19 7.17 3.91
CA PRO E 15 -5.82 7.09 4.36
C PRO E 15 -5.71 7.24 5.86
N ARG E 16 -4.87 6.43 6.46
CA ARG E 16 -4.59 6.53 7.87
C ARG E 16 -3.20 7.10 8.06
N SER E 17 -2.78 7.22 9.31
CA SER E 17 -1.39 7.57 9.61
C SER E 17 -0.46 6.48 9.13
N LEU E 18 0.74 6.87 8.72
CA LEU E 18 1.74 5.95 8.28
C LEU E 18 2.06 4.91 9.37
N GLU E 19 2.05 5.35 10.62
CA GLU E 19 2.37 4.51 11.71
C GLU E 19 1.38 3.40 11.83
N THR E 20 0.13 3.68 11.52
CA THR E 20 -0.91 2.69 11.56
C THR E 20 -0.70 1.67 10.43
N VAL E 21 -0.41 2.15 9.25
CA VAL E 21 -0.27 1.28 8.11
C VAL E 21 0.92 0.33 8.33
N ARG E 22 1.96 0.82 8.99
CA ARG E 22 3.13 -0.03 9.33
C ARG E 22 2.72 -1.13 10.28
N ARG E 23 1.91 -0.79 11.28
CA ARG E 23 1.43 -1.78 12.22
C ARG E 23 0.63 -2.83 11.51
N TRP E 24 -0.11 -2.40 10.50
CA TRP E 24 -0.85 -3.34 9.68
C TRP E 24 0.08 -4.36 9.04
N VAL E 25 1.22 -3.89 8.54
CA VAL E 25 2.17 -4.76 7.86
C VAL E 25 2.83 -5.71 8.84
N ARG E 26 3.20 -5.19 9.98
CA ARG E 26 3.77 -6.04 11.06
C ARG E 26 2.79 -7.10 11.48
N GLU E 27 1.52 -6.79 11.37
CA GLU E 27 0.49 -7.65 11.87
C GLU E 27 -0.08 -8.54 10.74
N SER E 28 0.54 -8.48 9.56
CA SER E 28 0.19 -9.39 8.44
C SER E 28 -1.25 -9.18 8.02
N ARG E 29 -1.65 -7.92 7.96
CA ARG E 29 -3.03 -7.57 7.61
C ARG E 29 -3.18 -7.28 6.13
N ILE E 30 -2.04 -7.17 5.44
CA ILE E 30 -2.03 -6.72 4.03
C ILE E 30 -1.61 -7.88 3.10
N PHE E 31 -2.37 -8.05 2.02
CA PHE E 31 -2.13 -9.15 1.10
C PHE E 31 -2.15 -8.65 -0.36
N PRO E 32 -1.07 -8.98 -1.14
CA PRO E 32 0.16 -9.64 -0.66
C PRO E 32 0.93 -8.82 0.36
N PRO E 33 1.67 -9.48 1.23
CA PRO E 33 2.44 -8.82 2.24
C PRO E 33 3.63 -8.12 1.63
N PRO E 34 3.79 -6.85 1.93
CA PRO E 34 4.84 -6.06 1.36
C PRO E 34 6.16 -6.53 1.77
N VAL E 35 7.16 -6.11 1.04
CA VAL E 35 8.46 -6.51 1.27
C VAL E 35 9.33 -5.31 1.48
N LYS E 36 10.23 -5.41 2.45
CA LYS E 36 11.05 -4.29 2.83
C LYS E 36 12.24 -4.18 1.88
N ASP E 37 12.09 -3.38 0.83
CA ASP E 37 13.20 -3.09 -0.07
C ASP E 37 14.15 -2.10 0.56
N GLY E 38 15.16 -2.60 1.24
CA GLY E 38 16.09 -1.78 1.91
C GLY E 38 15.57 -1.34 3.25
N ARG E 39 15.09 -0.11 3.32
CA ARG E 39 14.58 0.41 4.57
C ARG E 39 13.15 0.79 4.45
N GLU E 40 12.57 0.59 3.28
CA GLU E 40 11.21 1.00 3.02
C GLU E 40 10.38 -0.13 2.39
N TYR E 41 9.09 -0.14 2.72
CA TYR E 41 8.19 -1.16 2.25
C TYR E 41 7.73 -0.88 0.81
N LEU E 42 7.64 -1.93 -0.01
CA LEU E 42 6.99 -1.83 -1.32
C LEU E 42 5.72 -2.63 -1.33
N PHE E 43 4.59 -1.97 -1.58
CA PHE E 43 3.34 -2.64 -1.82
C PHE E 43 3.17 -2.84 -3.30
N HIS E 44 2.72 -4.02 -3.71
CA HIS E 44 2.13 -4.16 -4.98
C HIS E 44 0.84 -3.39 -5.02
N GLU E 45 0.54 -2.80 -6.17
CA GLU E 45 -0.59 -1.89 -6.29
C GLU E 45 -1.92 -2.61 -6.02
N SER E 46 -1.91 -3.93 -6.13
CA SER E 46 -3.14 -4.72 -5.94
C SER E 46 -3.38 -5.00 -4.48
N ALA E 47 -2.43 -4.60 -3.62
CA ALA E 47 -2.40 -5.04 -2.20
C ALA E 47 -3.56 -4.42 -1.42
N VAL E 48 -4.17 -5.21 -0.52
CA VAL E 48 -5.35 -4.74 0.24
C VAL E 48 -5.29 -5.21 1.71
N LYS E 49 -5.75 -4.34 2.60
CA LYS E 49 -6.09 -4.75 3.96
C LYS E 49 -7.34 -5.66 3.94
N VAL E 50 -7.23 -6.84 4.56
CA VAL E 50 -8.37 -7.81 4.59
C VAL E 50 -9.24 -7.60 5.84
N ASP E 51 -10.54 -7.99 5.73
CA ASP E 51 -11.62 -7.33 6.51
C ASP E 51 -12.86 -8.31 6.74
N LEU E 52 -14.06 -7.72 6.94
CA LEU E 52 -15.30 -8.50 7.19
C LEU E 52 -16.53 -7.58 7.46
N ASN E 53 -17.60 -7.79 6.69
CA ASN E 53 -18.89 -7.12 6.96
C ASN E 53 -20.00 -7.54 5.98
N ARG E 54 -21.02 -6.66 5.83
CA ARG E 54 -21.90 -6.69 4.62
C ARG E 54 -23.18 -5.89 4.82
N MET F 1 -13.84 8.99 -2.15
CA MET F 1 -14.80 8.06 -2.80
C MET F 1 -16.05 7.85 -1.91
N TYR F 2 -15.83 7.77 -0.60
CA TYR F 2 -16.92 7.54 0.33
C TYR F 2 -17.13 8.77 1.19
N LEU F 3 -18.08 8.67 2.12
CA LEU F 3 -18.20 9.64 3.21
C LEU F 3 -18.24 8.90 4.52
N THR F 4 -17.66 9.49 5.56
CA THR F 4 -17.83 8.97 6.90
C THR F 4 -19.29 9.11 7.33
N LEU F 5 -19.66 8.41 8.38
CA LEU F 5 -20.97 8.56 8.96
C LEU F 5 -21.33 10.05 9.17
N GLN F 6 -20.44 10.80 9.80
CA GLN F 6 -20.68 12.24 10.06
C GLN F 6 -20.87 13.00 8.75
N GLU F 7 -20.00 12.75 7.80
CA GLU F 7 -20.03 13.46 6.58
C GLU F 7 -21.30 13.18 5.84
N TRP F 8 -21.77 11.95 5.95
CA TRP F 8 -23.01 11.57 5.27
C TRP F 8 -24.20 12.17 6.00
N ASN F 9 -24.19 12.10 7.32
CA ASN F 9 -25.29 12.57 8.11
C ASN F 9 -25.49 14.05 7.90
N ALA F 10 -24.37 14.75 7.70
CA ALA F 10 -24.38 16.21 7.63
C ALA F 10 -25.15 16.73 6.37
N ARG F 11 -25.27 15.87 5.35
CA ARG F 11 -25.87 16.29 4.04
C ARG F 11 -27.29 15.81 3.89
N GLN F 12 -27.78 15.10 4.88
CA GLN F 12 -29.18 14.65 4.88
C GLN F 12 -30.10 15.83 5.14
N ARG F 13 -31.35 15.71 4.70
CA ARG F 13 -32.37 16.73 5.01
C ARG F 13 -32.44 16.95 6.51
N ARG F 14 -32.62 15.88 7.28
CA ARG F 14 -32.58 15.93 8.75
C ARG F 14 -31.43 15.11 9.28
N PRO F 15 -30.33 15.77 9.66
CA PRO F 15 -29.27 15.08 10.43
C PRO F 15 -29.77 14.65 11.78
N ARG F 16 -29.35 13.45 12.20
CA ARG F 16 -29.79 12.90 13.48
C ARG F 16 -28.58 12.61 14.32
N SER F 17 -28.82 12.18 15.54
CA SER F 17 -27.74 11.80 16.44
C SER F 17 -26.98 10.66 15.85
N LEU F 18 -25.72 10.51 16.28
CA LEU F 18 -24.84 9.51 15.71
C LEU F 18 -25.36 8.09 16.03
N GLU F 19 -25.88 7.91 17.22
CA GLU F 19 -26.45 6.65 17.61
C GLU F 19 -27.54 6.23 16.66
N THR F 20 -28.44 7.14 16.34
CA THR F 20 -29.56 6.82 15.49
C THR F 20 -29.07 6.35 14.13
N VAL F 21 -28.07 7.01 13.59
CA VAL F 21 -27.56 6.64 12.26
C VAL F 21 -26.83 5.27 12.31
N ARG F 22 -26.17 4.99 13.41
CA ARG F 22 -25.58 3.70 13.63
C ARG F 22 -26.65 2.63 13.68
N ARG F 23 -27.72 2.90 14.46
CA ARG F 23 -28.87 1.98 14.55
C ARG F 23 -29.35 1.61 13.19
N TRP F 24 -29.40 2.59 12.30
CA TRP F 24 -29.89 2.37 10.97
C TRP F 24 -28.99 1.39 10.23
N VAL F 25 -27.69 1.56 10.38
CA VAL F 25 -26.75 0.68 9.77
C VAL F 25 -26.91 -0.71 10.34
N ARG F 26 -26.99 -0.80 11.67
CA ARG F 26 -27.21 -2.10 12.35
C ARG F 26 -28.45 -2.83 11.78
N GLU F 27 -29.51 -2.06 11.49
CA GLU F 27 -30.78 -2.63 11.11
C GLU F 27 -30.94 -2.67 9.58
N SER F 28 -29.82 -2.41 8.87
CA SER F 28 -29.81 -2.52 7.38
C SER F 28 -30.81 -1.52 6.72
N ARG F 29 -30.93 -0.35 7.32
CA ARG F 29 -31.84 0.65 6.84
C ARG F 29 -31.10 1.73 6.01
N ILE F 30 -29.87 1.43 5.63
CA ILE F 30 -29.13 2.26 4.67
C ILE F 30 -28.79 1.44 3.44
N PHE F 31 -29.17 1.95 2.26
CA PHE F 31 -28.82 1.33 0.99
C PHE F 31 -28.21 2.33 0.05
N PRO F 32 -27.13 1.95 -0.61
CA PRO F 32 -26.37 0.76 -0.32
C PRO F 32 -25.80 0.76 1.09
N PRO F 33 -25.52 -0.41 1.63
CA PRO F 33 -24.98 -0.53 2.95
C PRO F 33 -23.58 0.01 3.03
N PRO F 34 -23.27 0.67 4.10
CA PRO F 34 -21.94 1.14 4.32
C PRO F 34 -20.94 0.00 4.56
N VAL F 35 -19.67 0.27 4.34
CA VAL F 35 -18.63 -0.67 4.63
C VAL F 35 -17.84 -0.22 5.85
N LYS F 36 -17.52 -1.16 6.72
CA LYS F 36 -16.74 -0.87 7.89
C LYS F 36 -15.24 -0.84 7.56
N ASP F 37 -14.59 0.24 7.92
CA ASP F 37 -13.22 0.40 7.61
C ASP F 37 -12.45 0.77 8.85
N GLY F 38 -11.69 -0.17 9.36
CA GLY F 38 -11.15 -0.05 10.68
C GLY F 38 -12.23 0.08 11.74
N ARG F 39 -12.44 1.30 12.21
CA ARG F 39 -13.29 1.52 13.36
C ARG F 39 -14.50 2.35 13.02
N GLU F 40 -14.61 2.76 11.75
CA GLU F 40 -15.66 3.64 11.34
C GLU F 40 -16.35 3.11 10.07
N TYR F 41 -17.61 3.52 9.88
CA TYR F 41 -18.35 3.19 8.68
C TYR F 41 -18.02 4.20 7.59
N LEU F 42 -17.97 3.73 6.35
CA LEU F 42 -17.90 4.63 5.19
C LEU F 42 -19.13 4.45 4.32
N PHE F 43 -19.83 5.57 4.07
CA PHE F 43 -21.05 5.56 3.26
C PHE F 43 -20.71 5.94 1.84
N HIS F 44 -21.43 5.37 0.89
CA HIS F 44 -21.56 5.97 -0.44
C HIS F 44 -22.24 7.31 -0.33
N GLU F 45 -21.74 8.30 -1.09
CA GLU F 45 -22.30 9.66 -1.00
C GLU F 45 -23.80 9.65 -1.17
N SER F 46 -24.31 8.75 -2.02
CA SER F 46 -25.72 8.79 -2.44
C SER F 46 -26.61 7.78 -1.63
N ALA F 47 -26.01 7.08 -0.68
CA ALA F 47 -26.78 6.16 0.17
C ALA F 47 -27.98 6.85 0.74
N VAL F 48 -29.10 6.13 0.81
CA VAL F 48 -30.33 6.69 1.40
C VAL F 48 -30.80 5.82 2.51
N LYS F 49 -31.52 6.42 3.47
CA LYS F 49 -32.31 5.63 4.46
C LYS F 49 -33.50 4.90 3.77
N VAL F 50 -33.63 3.61 4.05
CA VAL F 50 -34.65 2.80 3.44
C VAL F 50 -35.27 1.89 4.46
N ASP F 51 -36.59 1.99 4.63
CA ASP F 51 -37.34 1.03 5.48
C ASP F 51 -38.14 0.05 4.62
N LEU F 52 -37.83 -1.25 4.76
CA LEU F 52 -38.58 -2.33 4.10
C LEU F 52 -39.48 -3.04 5.10
N ASN F 53 -40.65 -3.50 4.63
CA ASN F 53 -41.45 -4.46 5.38
C ASN F 53 -42.18 -3.82 6.56
#